data_1FOA
#
_entry.id   1FOA
#
_cell.length_a   40.541
_cell.length_b   82.190
_cell.length_c   101.956
_cell.angle_alpha   90.00
_cell.angle_beta   90.00
_cell.angle_gamma   90.00
#
_symmetry.space_group_name_H-M   'P 21 21 21'
#
loop_
_entity.id
_entity.type
_entity.pdbx_description
1 polymer 'ALPHA-1,3-MANNOSYL-GLYCOPROTEIN BETA-1,2-N-ACETYLGLUCOSAMINYLTRANSFERASE'
2 non-polymer 'MANGANESE (II) ION'
3 non-polymer URIDINE-DIPHOSPHATE-N-ACETYLGLUCOSAMINE
4 non-polymer GLYCEROL
5 water water
#
_entity_poly.entity_id   1
_entity_poly.type   'polypeptide(L)'
_entity_poly.pdbx_seq_one_letter_code
;SRLQELAVIPILVIACDRSTVRRCLDKLLHYRPSAELFPIIVSQDCGHEETAQVIASYGSAVTHIRQPDLSNIAVQPDHR
KFQGYYKIARHYRWALGQIFHNFNYPAAVVVEDDLEVAPDFFEYFQATYPLLKADPSLWCVSAWNDNGKEQMVDSSKPEL
LYRTDFFPGLGWLLLAELWAELEPKWPKAFWDDWMRRPEQRKGRACVRPEISRTMTFGRKGVSHGQFFDQHLKFIKLNQQ
FVPFTQLDLSYLQQEAYDRDFLARVYGAPQLQVEKVRTNDRKELGEVRVQYTGRDSFKAFAKALGVMDDLKSGVPRAGYR
GIVTFLFRGRRVHLAPPQTWDGYDPSWT
;
_entity_poly.pdbx_strand_id   A
#
loop_
_chem_comp.id
_chem_comp.type
_chem_comp.name
_chem_comp.formula
GOL non-polymer GLYCEROL 'C3 H8 O3'
MN non-polymer 'MANGANESE (II) ION' 'Mn 2'
UD1 non-polymer URIDINE-DIPHOSPHATE-N-ACETYLGLUCOSAMINE 'C17 H27 N3 O17 P2'
#
# COMPACT_ATOMS: atom_id res chain seq x y z
N ALA A 7 4.10 0.28 -23.43
CA ALA A 7 3.16 0.29 -22.26
C ALA A 7 3.33 1.57 -21.45
N VAL A 8 2.42 2.51 -21.63
CA VAL A 8 2.50 3.77 -20.91
C VAL A 8 1.76 3.61 -19.57
N ILE A 9 2.45 3.93 -18.48
CA ILE A 9 1.87 3.82 -17.14
C ILE A 9 1.81 5.19 -16.51
N PRO A 10 0.61 5.79 -16.45
CA PRO A 10 0.43 7.12 -15.87
C PRO A 10 0.42 7.10 -14.35
N ILE A 11 0.90 8.20 -13.78
CA ILE A 11 0.89 8.36 -12.34
C ILE A 11 -0.30 9.30 -12.17
N LEU A 12 -1.31 8.84 -11.45
CA LEU A 12 -2.49 9.66 -11.21
C LEU A 12 -2.32 10.25 -9.81
N VAL A 13 -2.12 11.55 -9.75
CA VAL A 13 -1.98 12.25 -8.49
C VAL A 13 -3.35 12.81 -8.06
N ILE A 14 -3.76 12.44 -6.85
CA ILE A 14 -5.03 12.90 -6.27
C ILE A 14 -4.70 14.07 -5.35
N ALA A 15 -5.36 15.20 -5.63
CA ALA A 15 -5.13 16.44 -4.90
C ALA A 15 -6.45 17.13 -4.54
N CYS A 16 -6.40 18.12 -3.65
CA CYS A 16 -7.61 18.85 -3.25
C CYS A 16 -7.34 20.27 -2.79
N ASP A 17 -6.92 20.41 -1.53
CA ASP A 17 -6.68 21.73 -0.97
C ASP A 17 -5.39 21.92 -0.21
N ARG A 18 -4.38 21.10 -0.49
CA ARG A 18 -3.09 21.23 0.18
C ARG A 18 -2.05 21.64 -0.86
N SER A 19 -1.42 22.80 -0.64
CA SER A 19 -0.41 23.32 -1.54
C SER A 19 0.85 22.47 -1.51
N THR A 20 0.99 21.68 -0.46
CA THR A 20 2.15 20.79 -0.33
C THR A 20 2.12 19.68 -1.40
N VAL A 21 1.13 19.72 -2.28
CA VAL A 21 1.11 18.77 -3.37
C VAL A 21 2.42 19.09 -4.13
N ARG A 22 2.97 20.28 -3.88
CA ARG A 22 4.23 20.73 -4.48
C ARG A 22 5.34 19.71 -4.17
N ARG A 23 5.45 19.33 -2.91
CA ARG A 23 6.47 18.37 -2.51
C ARG A 23 6.27 17.06 -3.24
N CYS A 24 5.01 16.63 -3.38
CA CYS A 24 4.71 15.39 -4.07
C CYS A 24 5.17 15.48 -5.51
N LEU A 25 4.75 16.53 -6.22
CA LEU A 25 5.11 16.68 -7.62
C LEU A 25 6.62 16.89 -7.83
N ASP A 26 7.28 17.66 -6.96
CA ASP A 26 8.72 17.85 -7.15
C ASP A 26 9.47 16.52 -7.21
N LYS A 27 9.21 15.65 -6.25
CA LYS A 27 9.91 14.34 -6.21
C LYS A 27 9.58 13.41 -7.37
N LEU A 28 8.31 13.34 -7.75
CA LEU A 28 7.90 12.48 -8.87
C LEU A 28 8.60 12.91 -10.14
N LEU A 29 8.56 14.21 -10.40
CA LEU A 29 9.15 14.79 -11.59
C LEU A 29 10.66 14.70 -11.53
N HIS A 30 11.22 14.77 -10.33
CA HIS A 30 12.67 14.70 -10.19
C HIS A 30 13.17 13.29 -10.53
N TYR A 31 12.45 12.28 -10.08
CA TYR A 31 12.85 10.89 -10.30
C TYR A 31 12.34 10.25 -11.59
N ARG A 32 11.30 10.82 -12.20
CA ARG A 32 10.73 10.25 -13.41
C ARG A 32 11.80 9.97 -14.48
N PRO A 33 11.92 8.72 -14.93
CA PRO A 33 12.95 8.44 -15.96
C PRO A 33 12.54 8.71 -17.40
N SER A 34 11.24 8.92 -17.61
CA SER A 34 10.71 9.16 -18.94
C SER A 34 9.34 9.77 -18.87
N ALA A 35 9.19 10.94 -19.47
CA ALA A 35 7.90 11.63 -19.48
C ALA A 35 6.89 10.82 -20.31
N GLU A 36 7.37 10.24 -21.41
CA GLU A 36 6.48 9.47 -22.28
C GLU A 36 5.97 8.19 -21.62
N LEU A 37 6.84 7.52 -20.87
CA LEU A 37 6.43 6.28 -20.20
C LEU A 37 5.56 6.51 -18.97
N PHE A 38 5.85 7.60 -18.25
CA PHE A 38 5.11 7.96 -17.05
C PHE A 38 4.47 9.34 -17.06
N PRO A 39 3.40 9.53 -17.83
CA PRO A 39 2.75 10.84 -17.87
C PRO A 39 2.11 11.05 -16.50
N ILE A 40 2.17 12.26 -15.99
CA ILE A 40 1.61 12.58 -14.69
C ILE A 40 0.30 13.33 -14.88
N ILE A 41 -0.77 12.79 -14.35
CA ILE A 41 -2.07 13.41 -14.44
C ILE A 41 -2.46 13.77 -13.02
N VAL A 42 -2.61 15.06 -12.75
CA VAL A 42 -3.01 15.54 -11.43
C VAL A 42 -4.50 15.81 -11.44
N SER A 43 -5.27 15.00 -10.70
CA SER A 43 -6.71 15.22 -10.64
C SER A 43 -6.95 16.02 -9.37
N GLN A 44 -7.49 17.23 -9.53
CA GLN A 44 -7.75 18.08 -8.38
C GLN A 44 -9.23 18.21 -8.12
N ASP A 45 -9.62 17.96 -6.87
CA ASP A 45 -11.01 18.07 -6.42
C ASP A 45 -11.03 19.36 -5.57
N CYS A 46 -12.18 19.73 -5.02
CA CYS A 46 -12.28 20.86 -4.11
C CYS A 46 -12.22 22.30 -4.60
N GLY A 47 -11.63 22.57 -5.76
CA GLY A 47 -11.57 23.94 -6.25
C GLY A 47 -10.73 24.94 -5.45
N HIS A 48 -9.75 24.46 -4.69
CA HIS A 48 -8.87 25.33 -3.88
C HIS A 48 -7.98 26.10 -4.85
N GLU A 49 -8.18 27.42 -4.94
CA GLU A 49 -7.43 28.27 -5.88
C GLU A 49 -5.91 28.21 -5.77
N GLU A 50 -5.39 28.32 -4.56
CA GLU A 50 -3.94 28.28 -4.40
C GLU A 50 -3.37 26.93 -4.82
N THR A 51 -4.03 25.85 -4.45
CA THR A 51 -3.53 24.54 -4.84
C THR A 51 -3.60 24.43 -6.38
N ALA A 52 -4.62 25.05 -6.98
CA ALA A 52 -4.77 25.03 -8.44
C ALA A 52 -3.62 25.76 -9.12
N GLN A 53 -3.26 26.93 -8.58
CA GLN A 53 -2.17 27.72 -9.17
C GLN A 53 -0.85 26.97 -9.06
N VAL A 54 -0.62 26.35 -7.92
CA VAL A 54 0.58 25.56 -7.71
C VAL A 54 0.72 24.47 -8.76
N ILE A 55 -0.37 23.77 -9.02
CA ILE A 55 -0.38 22.69 -9.99
C ILE A 55 -0.16 23.30 -11.37
N ALA A 56 -0.90 24.35 -11.69
CA ALA A 56 -0.78 25.04 -12.98
C ALA A 56 0.66 25.51 -13.27
N SER A 57 1.38 25.91 -12.22
CA SER A 57 2.75 26.38 -12.37
C SER A 57 3.71 25.34 -12.96
N TYR A 58 3.31 24.06 -12.95
CA TYR A 58 4.17 23.03 -13.53
C TYR A 58 4.05 23.02 -15.04
N GLY A 59 3.07 23.74 -15.56
CA GLY A 59 2.89 23.80 -17.00
C GLY A 59 2.75 22.44 -17.63
N SER A 60 3.44 22.23 -18.75
CA SER A 60 3.38 20.97 -19.48
C SER A 60 3.94 19.73 -18.78
N ALA A 61 4.62 19.91 -17.65
CA ALA A 61 5.16 18.75 -16.94
C ALA A 61 4.01 17.86 -16.46
N VAL A 62 2.82 18.44 -16.29
CA VAL A 62 1.68 17.63 -15.87
C VAL A 62 0.41 17.97 -16.63
N THR A 63 -0.60 17.13 -16.44
CA THR A 63 -1.91 17.35 -17.04
C THR A 63 -2.81 17.58 -15.82
N HIS A 64 -3.40 18.76 -15.75
CA HIS A 64 -4.24 19.14 -14.62
C HIS A 64 -5.72 19.00 -14.98
N ILE A 65 -6.43 18.10 -14.29
CA ILE A 65 -7.87 17.92 -14.52
C ILE A 65 -8.60 18.20 -13.22
N ARG A 66 -9.84 18.66 -13.34
CA ARG A 66 -10.61 19.04 -12.18
C ARG A 66 -11.92 18.32 -12.03
N GLN A 67 -12.08 17.66 -10.89
CA GLN A 67 -13.29 16.92 -10.58
C GLN A 67 -14.39 17.96 -10.79
N PRO A 68 -15.39 17.66 -11.64
CA PRO A 68 -16.47 18.61 -11.94
C PRO A 68 -17.61 18.85 -10.96
N ASP A 69 -17.82 17.95 -10.01
CA ASP A 69 -18.94 18.11 -9.09
C ASP A 69 -18.50 18.49 -7.67
N LEU A 70 -18.63 19.77 -7.34
CA LEU A 70 -18.22 20.23 -6.02
C LEU A 70 -19.35 20.32 -4.99
N SER A 71 -20.51 19.79 -5.33
CA SER A 71 -21.65 19.84 -4.43
C SER A 71 -21.39 19.07 -3.14
N ASN A 72 -22.14 19.40 -2.08
CA ASN A 72 -22.00 18.67 -0.84
C ASN A 72 -22.69 17.34 -1.04
N ILE A 73 -22.27 16.35 -0.27
CA ILE A 73 -22.84 15.03 -0.42
C ILE A 73 -23.75 14.65 0.75
N ALA A 74 -24.90 14.09 0.43
CA ALA A 74 -25.86 13.66 1.45
C ALA A 74 -25.38 12.34 2.04
N VAL A 75 -24.91 12.39 3.28
CA VAL A 75 -24.42 11.19 3.94
C VAL A 75 -25.52 10.39 4.64
N GLN A 76 -25.25 9.13 4.94
CA GLN A 76 -26.22 8.31 5.64
C GLN A 76 -26.26 8.79 7.10
N PRO A 77 -27.31 8.41 7.85
CA PRO A 77 -27.46 8.83 9.26
C PRO A 77 -26.30 8.54 10.20
N ASP A 78 -25.48 7.54 9.88
CA ASP A 78 -24.36 7.21 10.74
C ASP A 78 -23.06 7.93 10.36
N HIS A 79 -23.10 8.76 9.32
CA HIS A 79 -21.88 9.42 8.83
C HIS A 79 -21.79 10.94 8.83
N ARG A 80 -22.52 11.59 9.73
CA ARG A 80 -22.49 13.07 9.78
C ARG A 80 -21.05 13.61 9.83
N LYS A 81 -20.22 12.97 10.63
CA LYS A 81 -18.83 13.40 10.78
C LYS A 81 -17.89 12.89 9.70
N PHE A 82 -18.39 12.18 8.70
CA PHE A 82 -17.50 11.62 7.70
C PHE A 82 -17.74 12.02 6.24
N GLN A 83 -18.26 13.22 6.00
CA GLN A 83 -18.51 13.62 4.63
C GLN A 83 -17.22 13.67 3.82
N GLY A 84 -16.10 13.96 4.47
CA GLY A 84 -14.84 14.02 3.75
C GLY A 84 -14.58 12.70 3.02
N TYR A 85 -14.85 11.58 3.67
CA TYR A 85 -14.64 10.26 3.06
C TYR A 85 -15.53 10.03 1.84
N TYR A 86 -16.72 10.65 1.83
CA TYR A 86 -17.64 10.50 0.71
C TYR A 86 -17.03 11.25 -0.47
N LYS A 87 -16.45 12.41 -0.18
CA LYS A 87 -15.84 13.23 -1.21
C LYS A 87 -14.62 12.52 -1.81
N ILE A 88 -13.85 11.82 -0.98
CA ILE A 88 -12.67 11.10 -1.47
C ILE A 88 -13.13 10.00 -2.43
N ALA A 89 -14.13 9.21 -2.04
CA ALA A 89 -14.58 8.14 -2.91
C ALA A 89 -15.09 8.69 -4.24
N ARG A 90 -15.97 9.70 -4.17
CA ARG A 90 -16.50 10.31 -5.39
C ARG A 90 -15.35 10.78 -6.29
N HIS A 91 -14.33 11.42 -5.71
CA HIS A 91 -13.19 11.87 -6.51
C HIS A 91 -12.44 10.70 -7.15
N TYR A 92 -12.14 9.67 -6.37
CA TYR A 92 -11.45 8.50 -6.92
C TYR A 92 -12.22 7.92 -8.10
N ARG A 93 -13.54 7.80 -7.94
CA ARG A 93 -14.34 7.25 -9.04
C ARG A 93 -14.18 8.09 -10.29
N TRP A 94 -14.32 9.40 -10.17
CA TRP A 94 -14.19 10.27 -11.32
C TRP A 94 -12.77 10.27 -11.91
N ALA A 95 -11.75 10.38 -11.05
CA ALA A 95 -10.36 10.41 -11.50
C ALA A 95 -9.96 9.11 -12.19
N LEU A 96 -10.30 7.98 -11.57
CA LEU A 96 -9.94 6.71 -12.19
C LEU A 96 -10.70 6.51 -13.51
N GLY A 97 -11.94 6.99 -13.56
CA GLY A 97 -12.72 6.87 -14.79
C GLY A 97 -12.08 7.71 -15.90
N GLN A 98 -11.47 8.83 -15.53
CA GLN A 98 -10.81 9.67 -16.52
C GLN A 98 -9.61 8.92 -17.11
N ILE A 99 -8.83 8.29 -16.23
CA ILE A 99 -7.64 7.54 -16.63
C ILE A 99 -7.96 6.37 -17.56
N PHE A 100 -8.97 5.60 -17.20
CA PHE A 100 -9.32 4.41 -17.97
C PHE A 100 -10.39 4.54 -19.05
N HIS A 101 -11.23 5.58 -18.97
CA HIS A 101 -12.28 5.76 -19.97
C HIS A 101 -11.96 6.87 -20.95
N ASN A 102 -11.39 7.96 -20.46
CA ASN A 102 -11.06 9.07 -21.32
C ASN A 102 -9.66 8.95 -21.87
N PHE A 103 -8.66 8.91 -21.00
CA PHE A 103 -7.29 8.77 -21.49
C PHE A 103 -7.08 7.37 -22.04
N ASN A 104 -7.84 6.41 -21.51
CA ASN A 104 -7.79 5.01 -21.98
C ASN A 104 -6.43 4.32 -21.78
N TYR A 105 -5.86 4.49 -20.59
CA TYR A 105 -4.58 3.88 -20.25
C TYR A 105 -4.84 2.45 -19.80
N PRO A 106 -3.86 1.56 -19.97
CA PRO A 106 -3.99 0.15 -19.59
C PRO A 106 -3.79 -0.13 -18.11
N ALA A 107 -3.31 0.88 -17.39
CA ALA A 107 -3.03 0.76 -15.97
C ALA A 107 -2.70 2.14 -15.42
N ALA A 108 -2.53 2.24 -14.10
CA ALA A 108 -2.18 3.52 -13.47
C ALA A 108 -1.63 3.36 -12.05
N VAL A 109 -0.73 4.26 -11.66
CA VAL A 109 -0.20 4.25 -10.31
C VAL A 109 -0.87 5.44 -9.62
N VAL A 110 -1.65 5.14 -8.60
CA VAL A 110 -2.38 6.14 -7.82
C VAL A 110 -1.50 6.67 -6.69
N VAL A 111 -1.31 7.98 -6.65
CA VAL A 111 -0.47 8.62 -5.63
C VAL A 111 -1.18 9.82 -5.01
N GLU A 112 -1.44 9.75 -3.71
CA GLU A 112 -2.11 10.89 -3.07
C GLU A 112 -1.11 12.05 -2.91
N ASP A 113 -1.64 13.27 -2.87
CA ASP A 113 -0.84 14.49 -2.78
C ASP A 113 0.10 14.63 -1.59
N ASP A 114 -0.08 13.81 -0.55
CA ASP A 114 0.80 13.91 0.61
C ASP A 114 1.82 12.77 0.72
N LEU A 115 2.17 12.18 -0.43
CA LEU A 115 3.16 11.11 -0.44
C LEU A 115 4.41 11.54 -1.18
N GLU A 116 5.56 11.23 -0.62
CA GLU A 116 6.81 11.52 -1.30
C GLU A 116 7.29 10.15 -1.81
N VAL A 117 7.68 10.08 -3.08
CA VAL A 117 8.16 8.82 -3.66
C VAL A 117 9.68 8.62 -3.50
N ALA A 118 10.10 7.36 -3.41
CA ALA A 118 11.52 7.01 -3.29
C ALA A 118 12.19 7.12 -4.66
N PRO A 119 13.54 7.15 -4.71
CA PRO A 119 14.29 7.26 -5.97
C PRO A 119 13.97 6.16 -6.98
N ASP A 120 13.67 4.97 -6.47
CA ASP A 120 13.36 3.85 -7.35
C ASP A 120 11.87 3.57 -7.45
N PHE A 121 11.07 4.61 -7.26
CA PHE A 121 9.62 4.48 -7.34
C PHE A 121 9.16 3.98 -8.70
N PHE A 122 9.58 4.63 -9.78
CA PHE A 122 9.19 4.23 -11.12
C PHE A 122 9.82 2.90 -11.54
N GLU A 123 11.10 2.74 -11.23
CA GLU A 123 11.83 1.52 -11.55
C GLU A 123 11.04 0.36 -10.96
N TYR A 124 10.60 0.54 -9.72
CA TYR A 124 9.84 -0.49 -9.03
C TYR A 124 8.58 -0.89 -9.79
N PHE A 125 7.80 0.10 -10.19
CA PHE A 125 6.58 -0.18 -10.90
C PHE A 125 6.78 -0.68 -12.35
N GLN A 126 7.81 -0.22 -13.06
CA GLN A 126 8.01 -0.73 -14.42
C GLN A 126 8.47 -2.19 -14.34
N ALA A 127 9.13 -2.57 -13.25
CA ALA A 127 9.57 -3.97 -13.12
C ALA A 127 8.45 -4.93 -12.69
N THR A 128 7.51 -4.44 -11.87
CA THR A 128 6.44 -5.29 -11.38
C THR A 128 5.17 -5.29 -12.23
N TYR A 129 5.04 -4.32 -13.13
CA TYR A 129 3.86 -4.27 -13.99
C TYR A 129 3.67 -5.60 -14.77
N PRO A 130 4.75 -6.13 -15.37
CA PRO A 130 4.55 -7.38 -16.10
C PRO A 130 4.10 -8.56 -15.22
N LEU A 131 4.45 -8.53 -13.93
CA LEU A 131 4.07 -9.59 -13.01
C LEU A 131 2.56 -9.47 -12.72
N LEU A 132 2.11 -8.24 -12.54
CA LEU A 132 0.70 -7.98 -12.27
C LEU A 132 -0.13 -8.43 -13.48
N LYS A 133 0.42 -8.19 -14.67
CA LYS A 133 -0.30 -8.58 -15.88
C LYS A 133 -0.33 -10.09 -16.10
N ALA A 134 0.69 -10.78 -15.62
CA ALA A 134 0.79 -12.22 -15.80
C ALA A 134 0.20 -13.11 -14.73
N ASP A 135 0.00 -12.58 -13.54
CA ASP A 135 -0.53 -13.38 -12.45
C ASP A 135 -1.85 -12.80 -11.95
N PRO A 136 -2.99 -13.40 -12.35
CA PRO A 136 -4.34 -12.97 -11.97
C PRO A 136 -4.66 -13.15 -10.49
N SER A 137 -3.78 -13.82 -9.77
CA SER A 137 -4.00 -14.00 -8.32
C SER A 137 -3.49 -12.72 -7.63
N LEU A 138 -2.85 -11.85 -8.41
CA LEU A 138 -2.36 -10.57 -7.92
C LEU A 138 -3.32 -9.51 -8.42
N TRP A 139 -3.72 -8.56 -7.58
CA TRP A 139 -4.61 -7.51 -8.06
C TRP A 139 -4.02 -6.10 -7.90
N CYS A 140 -2.81 -6.02 -7.37
CA CYS A 140 -2.14 -4.73 -7.21
C CYS A 140 -0.67 -4.83 -6.83
N VAL A 141 0.04 -3.73 -7.05
CA VAL A 141 1.44 -3.64 -6.65
C VAL A 141 1.49 -2.34 -5.84
N SER A 142 1.88 -2.47 -4.57
CA SER A 142 1.92 -1.32 -3.67
C SER A 142 3.34 -0.97 -3.22
N ALA A 143 3.59 0.33 -3.05
CA ALA A 143 4.88 0.84 -2.60
C ALA A 143 5.01 0.74 -1.09
N TRP A 144 3.88 0.49 -0.43
CA TRP A 144 3.82 0.51 1.03
C TRP A 144 3.99 -0.75 1.87
N ASN A 145 4.87 -0.65 2.87
CA ASN A 145 5.06 -1.76 3.82
C ASN A 145 4.38 -1.25 5.10
N ASP A 146 3.23 -1.82 5.46
CA ASP A 146 2.51 -1.37 6.65
C ASP A 146 3.29 -1.38 7.97
N ASN A 147 4.30 -2.24 8.06
CA ASN A 147 5.15 -2.34 9.24
C ASN A 147 6.56 -1.88 8.88
N GLY A 148 6.65 -1.00 7.89
CA GLY A 148 7.96 -0.52 7.44
C GLY A 148 8.69 0.54 8.24
N LYS A 149 8.66 0.44 9.57
CA LYS A 149 9.37 1.40 10.42
C LYS A 149 10.87 1.11 10.30
N GLU A 150 11.71 2.10 10.58
CA GLU A 150 13.16 1.93 10.42
C GLU A 150 13.79 0.72 11.10
N GLN A 151 13.47 0.48 12.37
CA GLN A 151 14.08 -0.65 13.06
C GLN A 151 13.40 -1.99 12.77
N MET A 152 12.39 -1.98 11.90
CA MET A 152 11.66 -3.19 11.56
C MET A 152 11.87 -3.69 10.14
N VAL A 153 12.79 -3.07 9.41
CA VAL A 153 13.08 -3.50 8.04
C VAL A 153 14.59 -3.72 7.92
N ASP A 154 14.97 -4.61 7.01
CA ASP A 154 16.39 -4.96 6.74
C ASP A 154 16.95 -4.04 5.65
N SER A 155 17.73 -3.05 6.07
N SER A 155 17.73 -3.04 6.06
CA SER A 155 18.32 -2.08 5.14
CA SER A 155 18.29 -2.09 5.11
C SER A 155 19.30 -2.69 4.15
C SER A 155 19.31 -2.69 4.14
N SER A 156 19.73 -3.93 4.40
CA SER A 156 20.68 -4.61 3.52
C SER A 156 19.94 -5.39 2.44
N LYS A 157 18.60 -5.35 2.49
CA LYS A 157 17.78 -6.02 1.49
C LYS A 157 16.76 -5.05 0.90
N PRO A 158 17.20 -3.90 0.37
CA PRO A 158 16.16 -3.02 -0.17
C PRO A 158 15.44 -3.57 -1.41
N GLU A 159 15.96 -4.66 -1.97
CA GLU A 159 15.38 -5.24 -3.16
C GLU A 159 14.32 -6.29 -2.83
N LEU A 160 14.29 -6.74 -1.58
CA LEU A 160 13.36 -7.79 -1.18
C LEU A 160 11.88 -7.41 -1.27
N LEU A 161 11.10 -8.23 -1.98
CA LEU A 161 9.66 -7.98 -2.13
C LEU A 161 8.87 -9.15 -1.56
N TYR A 162 7.58 -8.92 -1.34
CA TYR A 162 6.65 -9.90 -0.77
C TYR A 162 5.26 -9.83 -1.40
N ARG A 163 4.44 -10.84 -1.08
CA ARG A 163 3.05 -10.86 -1.47
C ARG A 163 2.32 -10.53 -0.15
N THR A 164 1.18 -9.84 -0.24
CA THR A 164 0.36 -9.52 0.95
C THR A 164 -1.15 -9.56 0.61
N ASP A 165 -1.94 -10.13 1.52
CA ASP A 165 -3.38 -10.22 1.37
C ASP A 165 -4.01 -8.90 1.78
N PHE A 166 -3.25 -8.12 2.55
CA PHE A 166 -3.69 -6.81 3.04
C PHE A 166 -3.36 -5.70 2.03
N PHE A 167 -4.42 -5.14 1.42
CA PHE A 167 -4.29 -4.04 0.44
C PHE A 167 -3.70 -2.82 1.15
N PRO A 168 -2.48 -2.39 0.76
CA PRO A 168 -1.85 -1.21 1.41
C PRO A 168 -2.19 0.17 0.85
N GLY A 169 -2.52 0.23 -0.44
CA GLY A 169 -2.81 1.52 -1.05
C GLY A 169 -1.50 2.30 -0.99
N LEU A 170 -1.60 3.58 -0.67
CA LEU A 170 -0.45 4.47 -0.53
C LEU A 170 0.64 4.30 -1.60
N GLY A 171 0.29 4.62 -2.84
CA GLY A 171 1.21 4.46 -3.95
C GLY A 171 0.95 3.06 -4.47
N TRP A 172 -0.05 2.92 -5.35
CA TRP A 172 -0.39 1.60 -5.85
C TRP A 172 -0.81 1.55 -7.30
N LEU A 173 -0.40 0.47 -7.95
CA LEU A 173 -0.68 0.21 -9.34
C LEU A 173 -1.87 -0.76 -9.52
N LEU A 174 -2.77 -0.42 -10.44
CA LEU A 174 -3.88 -1.31 -10.73
C LEU A 174 -4.02 -1.38 -12.24
N LEU A 175 -4.61 -2.47 -12.73
CA LEU A 175 -4.83 -2.64 -14.15
C LEU A 175 -6.21 -2.14 -14.50
N ALA A 176 -6.37 -1.74 -15.76
CA ALA A 176 -7.64 -1.27 -16.26
C ALA A 176 -8.62 -2.41 -16.03
N GLU A 177 -8.13 -3.66 -16.09
CA GLU A 177 -9.00 -4.82 -15.87
C GLU A 177 -9.64 -4.79 -14.47
N LEU A 178 -8.91 -4.33 -13.47
CA LEU A 178 -9.46 -4.25 -12.12
C LEU A 178 -10.49 -3.13 -12.00
N TRP A 179 -10.19 -1.99 -12.60
CA TRP A 179 -11.13 -0.89 -12.54
C TRP A 179 -12.46 -1.31 -13.16
N ALA A 180 -12.41 -2.17 -14.18
CA ALA A 180 -13.63 -2.67 -14.82
C ALA A 180 -14.46 -3.47 -13.80
N GLU A 181 -13.77 -4.15 -12.90
CA GLU A 181 -14.41 -4.95 -11.88
C GLU A 181 -14.99 -4.10 -10.73
N LEU A 182 -14.26 -3.08 -10.33
CA LEU A 182 -14.64 -2.24 -9.19
C LEU A 182 -15.62 -1.12 -9.46
N GLU A 183 -15.40 -0.38 -10.54
CA GLU A 183 -16.26 0.77 -10.82
C GLU A 183 -17.78 0.55 -10.72
N PRO A 184 -18.28 -0.58 -11.23
CA PRO A 184 -19.73 -0.83 -11.16
C PRO A 184 -20.28 -0.87 -9.73
N LYS A 185 -19.44 -1.27 -8.78
CA LYS A 185 -19.90 -1.38 -7.40
C LYS A 185 -19.17 -0.44 -6.47
N TRP A 186 -18.51 0.59 -7.02
CA TRP A 186 -17.77 1.54 -6.20
C TRP A 186 -18.65 2.08 -5.06
N PRO A 187 -18.14 2.03 -3.82
CA PRO A 187 -18.83 2.48 -2.61
C PRO A 187 -18.99 3.99 -2.46
N LYS A 188 -19.87 4.40 -1.54
CA LYS A 188 -20.11 5.83 -1.27
C LYS A 188 -19.02 6.41 -0.35
N ALA A 189 -18.31 5.54 0.38
CA ALA A 189 -17.26 6.02 1.31
C ALA A 189 -16.32 4.92 1.78
N PHE A 190 -15.17 5.34 2.34
CA PHE A 190 -14.15 4.43 2.86
C PHE A 190 -13.78 3.41 1.81
N TRP A 191 -13.32 3.90 0.66
CA TRP A 191 -12.99 3.06 -0.46
C TRP A 191 -11.90 2.03 -0.19
N ASP A 192 -10.85 2.41 0.55
CA ASP A 192 -9.77 1.47 0.83
C ASP A 192 -10.17 0.29 1.72
N ASP A 193 -10.96 0.52 2.76
CA ASP A 193 -11.40 -0.57 3.63
C ASP A 193 -12.40 -1.46 2.90
N TRP A 194 -13.10 -0.86 1.94
CA TRP A 194 -14.08 -1.58 1.10
C TRP A 194 -13.33 -2.56 0.17
N MET A 195 -12.20 -2.13 -0.35
CA MET A 195 -11.43 -3.03 -1.20
C MET A 195 -10.81 -4.16 -0.38
N ARG A 196 -10.66 -3.93 0.93
CA ARG A 196 -10.08 -4.94 1.80
C ARG A 196 -11.04 -6.10 2.10
N ARG A 197 -12.32 -5.90 1.80
CA ARG A 197 -13.32 -6.94 2.03
C ARG A 197 -13.15 -8.10 1.05
N PRO A 198 -13.52 -9.31 1.47
CA PRO A 198 -13.35 -10.43 0.52
C PRO A 198 -14.22 -10.35 -0.74
N GLU A 199 -15.37 -9.71 -0.64
CA GLU A 199 -16.25 -9.59 -1.80
C GLU A 199 -15.54 -8.83 -2.93
N GLN A 200 -14.55 -8.02 -2.55
CA GLN A 200 -13.80 -7.24 -3.53
C GLN A 200 -12.47 -7.90 -3.86
N ARG A 201 -11.75 -8.26 -2.81
CA ARG A 201 -10.41 -8.87 -2.93
C ARG A 201 -10.42 -10.21 -3.63
N LYS A 202 -11.37 -11.05 -3.24
CA LYS A 202 -11.49 -12.39 -3.79
C LYS A 202 -10.15 -13.16 -3.70
N GLY A 203 -9.58 -13.18 -2.50
CA GLY A 203 -8.34 -13.92 -2.29
C GLY A 203 -7.08 -13.46 -2.99
N ARG A 204 -7.18 -12.37 -3.74
CA ARG A 204 -6.03 -11.86 -4.48
C ARG A 204 -5.08 -11.07 -3.60
N ALA A 205 -3.83 -11.02 -4.02
CA ALA A 205 -2.78 -10.34 -3.27
C ALA A 205 -2.12 -9.19 -4.00
N CYS A 206 -1.31 -8.43 -3.27
CA CYS A 206 -0.55 -7.34 -3.86
C CYS A 206 0.90 -7.63 -3.55
N VAL A 207 1.78 -7.02 -4.32
CA VAL A 207 3.20 -7.13 -4.06
C VAL A 207 3.44 -5.90 -3.21
N ARG A 208 4.29 -6.05 -2.20
CA ARG A 208 4.67 -4.92 -1.34
C ARG A 208 6.17 -5.16 -1.08
N PRO A 209 6.93 -4.09 -0.80
CA PRO A 209 8.36 -4.21 -0.56
C PRO A 209 8.76 -4.28 0.91
N GLU A 210 10.00 -4.73 1.15
CA GLU A 210 10.56 -4.78 2.50
C GLU A 210 10.69 -3.34 3.00
N ILE A 211 11.09 -2.42 2.11
CA ILE A 211 11.29 -1.00 2.44
C ILE A 211 10.37 -0.20 1.52
N SER A 212 9.52 0.65 2.11
CA SER A 212 8.53 1.41 1.34
C SER A 212 9.10 2.33 0.25
N ARG A 213 8.34 2.47 -0.84
CA ARG A 213 8.77 3.34 -1.93
C ARG A 213 8.02 4.66 -1.88
N THR A 214 7.26 4.84 -0.80
CA THR A 214 6.54 6.09 -0.55
C THR A 214 6.51 6.31 0.95
N MET A 215 6.28 7.56 1.35
N MET A 215 6.31 7.56 1.35
CA MET A 215 6.19 7.91 2.75
CA MET A 215 6.22 7.94 2.76
C MET A 215 5.13 8.99 2.74
C MET A 215 5.21 9.07 2.78
N THR A 216 4.50 9.23 3.89
CA THR A 216 3.49 10.27 3.96
C THR A 216 3.88 11.39 4.94
N PHE A 217 3.57 12.61 4.52
CA PHE A 217 3.82 13.79 5.32
C PHE A 217 2.49 14.52 5.59
N GLY A 218 1.39 13.91 5.17
CA GLY A 218 0.05 14.48 5.36
C GLY A 218 -0.54 14.42 6.77
N ARG A 219 0.10 15.17 7.66
CA ARG A 219 -0.27 15.29 9.07
C ARG A 219 -1.75 15.68 9.21
N LYS A 220 -2.09 16.81 8.58
CA LYS A 220 -3.44 17.36 8.58
C LYS A 220 -4.09 16.95 7.27
N GLY A 221 -5.27 16.33 7.37
CA GLY A 221 -5.98 15.91 6.17
C GLY A 221 -7.44 15.62 6.46
N VAL A 222 -8.02 14.68 5.73
CA VAL A 222 -9.41 14.32 5.96
C VAL A 222 -9.46 13.65 7.32
N SER A 223 -8.83 12.48 7.41
CA SER A 223 -8.79 11.76 8.68
C SER A 223 -8.07 12.62 9.71
N HIS A 224 -8.33 12.34 10.98
CA HIS A 224 -7.68 13.04 12.06
C HIS A 224 -6.26 12.46 12.15
N GLY A 225 -5.35 13.20 12.77
CA GLY A 225 -3.97 12.77 12.85
C GLY A 225 -3.47 11.70 13.82
N GLN A 226 -4.36 10.94 14.47
CA GLN A 226 -3.86 9.93 15.40
C GLN A 226 -3.16 8.76 14.73
N PHE A 227 -3.80 8.17 13.73
CA PHE A 227 -3.20 7.05 13.02
C PHE A 227 -1.90 7.52 12.36
N PHE A 228 -1.90 8.74 11.82
CA PHE A 228 -0.71 9.29 11.17
C PHE A 228 0.39 9.54 12.19
N ASP A 229 -0.02 10.02 13.37
CA ASP A 229 0.91 10.36 14.44
C ASP A 229 1.54 9.18 15.17
N GLN A 230 0.80 8.09 15.29
CA GLN A 230 1.31 6.94 16.00
C GLN A 230 1.85 5.84 15.12
N HIS A 231 1.58 5.91 13.83
CA HIS A 231 2.05 4.87 12.95
C HIS A 231 2.59 5.30 11.58
N LEU A 232 1.72 5.92 10.78
CA LEU A 232 2.09 6.31 9.43
C LEU A 232 3.35 7.15 9.26
N LYS A 233 3.57 8.10 10.16
CA LYS A 233 4.74 8.98 10.06
C LYS A 233 6.05 8.24 10.28
N PHE A 234 5.98 7.03 10.80
CA PHE A 234 7.21 6.29 11.08
C PHE A 234 7.68 5.34 9.98
N ILE A 235 6.86 5.20 8.93
CA ILE A 235 7.19 4.33 7.83
C ILE A 235 8.33 4.99 7.04
N LYS A 236 9.46 4.28 6.98
CA LYS A 236 10.65 4.79 6.31
C LYS A 236 10.68 4.75 4.78
N LEU A 237 11.14 5.85 4.18
CA LEU A 237 11.25 5.93 2.73
C LEU A 237 12.55 5.31 2.25
N ASN A 238 12.48 4.37 1.30
CA ASN A 238 13.69 3.80 0.76
C ASN A 238 14.56 4.88 0.10
N GLN A 239 15.86 4.79 0.33
CA GLN A 239 16.80 5.76 -0.23
C GLN A 239 17.81 5.12 -1.18
N GLN A 240 17.99 3.81 -1.09
CA GLN A 240 18.95 3.12 -1.95
C GLN A 240 18.25 2.61 -3.20
N PHE A 241 18.69 3.13 -4.34
CA PHE A 241 18.09 2.76 -5.63
C PHE A 241 18.35 1.29 -5.97
N VAL A 242 17.29 0.54 -6.19
CA VAL A 242 17.42 -0.87 -6.56
C VAL A 242 16.97 -0.98 -8.03
N PRO A 243 17.81 -1.58 -8.89
CA PRO A 243 17.43 -1.72 -10.31
C PRO A 243 16.49 -2.91 -10.50
N PHE A 244 15.28 -2.81 -9.94
CA PHE A 244 14.31 -3.89 -10.05
C PHE A 244 14.12 -4.41 -11.46
N THR A 245 14.20 -3.55 -12.47
CA THR A 245 14.05 -4.03 -13.85
C THR A 245 15.17 -5.00 -14.27
N GLN A 246 16.26 -5.05 -13.51
CA GLN A 246 17.37 -5.96 -13.83
C GLN A 246 17.33 -7.25 -12.96
N LEU A 247 16.34 -7.39 -12.08
CA LEU A 247 16.26 -8.55 -11.20
C LEU A 247 15.27 -9.60 -11.65
N ASP A 248 15.43 -10.83 -11.15
CA ASP A 248 14.51 -11.89 -11.50
C ASP A 248 13.41 -11.89 -10.43
N LEU A 249 12.22 -11.41 -10.77
CA LEU A 249 11.14 -11.35 -9.79
C LEU A 249 10.15 -12.50 -9.94
N SER A 250 10.58 -13.61 -10.54
CA SER A 250 9.67 -14.75 -10.74
C SER A 250 9.30 -15.41 -9.41
N TYR A 251 10.06 -15.11 -8.37
CA TYR A 251 9.77 -15.69 -7.06
C TYR A 251 8.44 -15.17 -6.48
N LEU A 252 7.92 -14.08 -7.05
CA LEU A 252 6.66 -13.51 -6.58
C LEU A 252 5.42 -14.14 -7.21
N GLN A 253 5.59 -14.95 -8.24
CA GLN A 253 4.46 -15.61 -8.86
C GLN A 253 3.90 -16.62 -7.85
N GLN A 254 2.58 -16.70 -7.81
CA GLN A 254 1.87 -17.57 -6.89
C GLN A 254 2.37 -19.00 -6.73
N GLU A 255 2.57 -19.70 -7.84
CA GLU A 255 3.02 -21.09 -7.77
C GLU A 255 4.42 -21.27 -7.18
N ALA A 256 5.23 -20.21 -7.17
CA ALA A 256 6.56 -20.33 -6.58
C ALA A 256 6.50 -19.86 -5.12
N TYR A 257 5.94 -18.67 -4.92
CA TYR A 257 5.82 -18.07 -3.58
C TYR A 257 5.10 -18.97 -2.56
N ASP A 258 3.94 -19.48 -2.90
CA ASP A 258 3.18 -20.33 -1.97
C ASP A 258 3.82 -21.69 -1.65
N ARG A 259 4.88 -22.03 -2.36
CA ARG A 259 5.57 -23.28 -2.09
C ARG A 259 6.83 -22.92 -1.29
N ASP A 260 7.64 -22.04 -1.89
CA ASP A 260 8.90 -21.61 -1.29
C ASP A 260 8.79 -20.75 -0.03
N PHE A 261 8.11 -19.60 -0.12
CA PHE A 261 8.00 -18.73 1.04
C PHE A 261 7.35 -19.41 2.25
N LEU A 262 6.24 -20.09 2.03
CA LEU A 262 5.53 -20.80 3.10
C LEU A 262 6.39 -21.91 3.71
N ALA A 263 7.16 -22.59 2.86
CA ALA A 263 8.03 -23.65 3.36
C ALA A 263 9.10 -22.98 4.23
N ARG A 264 9.57 -21.83 3.78
CA ARG A 264 10.56 -21.06 4.51
C ARG A 264 10.05 -20.71 5.92
N VAL A 265 8.83 -20.19 5.96
CA VAL A 265 8.16 -19.77 7.20
C VAL A 265 7.89 -20.94 8.16
N TYR A 266 7.29 -22.00 7.65
CA TYR A 266 7.02 -23.13 8.52
C TYR A 266 8.18 -24.08 8.72
N GLY A 267 9.29 -23.77 8.07
CA GLY A 267 10.50 -24.56 8.22
C GLY A 267 11.38 -23.88 9.28
N ALA A 268 11.09 -22.60 9.53
CA ALA A 268 11.84 -21.83 10.52
C ALA A 268 11.49 -22.28 11.93
N PRO A 269 12.47 -22.25 12.84
CA PRO A 269 12.19 -22.68 14.20
C PRO A 269 11.21 -21.72 14.88
N GLN A 270 10.45 -22.28 15.82
CA GLN A 270 9.46 -21.51 16.58
C GLN A 270 10.15 -20.98 17.84
N LEU A 271 9.88 -19.73 18.20
CA LEU A 271 10.48 -19.16 19.39
C LEU A 271 9.41 -18.42 20.21
N GLN A 272 9.46 -18.58 21.54
CA GLN A 272 8.50 -17.93 22.42
C GLN A 272 8.58 -16.43 22.20
N VAL A 273 7.42 -15.77 22.09
CA VAL A 273 7.42 -14.33 21.85
C VAL A 273 8.36 -13.56 22.82
N GLU A 274 8.33 -13.93 24.09
CA GLU A 274 9.15 -13.28 25.10
C GLU A 274 10.64 -13.40 24.79
N LYS A 275 11.06 -14.56 24.26
CA LYS A 275 12.45 -14.74 23.92
C LYS A 275 12.87 -13.82 22.77
N VAL A 276 11.94 -13.57 21.85
CA VAL A 276 12.21 -12.70 20.71
C VAL A 276 12.33 -11.25 21.19
N ARG A 277 11.35 -10.83 21.99
CA ARG A 277 11.29 -9.47 22.52
C ARG A 277 12.56 -9.07 23.26
N THR A 278 13.10 -9.96 24.09
CA THR A 278 14.31 -9.64 24.85
C THR A 278 15.58 -10.01 24.13
N ASN A 279 15.45 -10.49 22.90
CA ASN A 279 16.61 -10.85 22.10
C ASN A 279 17.38 -12.05 22.66
N ASP A 280 16.66 -13.04 23.18
CA ASP A 280 17.32 -14.24 23.69
C ASP A 280 17.50 -15.18 22.49
N ARG A 281 18.39 -16.16 22.61
CA ARG A 281 18.61 -17.11 21.52
C ARG A 281 18.93 -16.44 20.18
N LYS A 282 19.87 -15.50 20.18
CA LYS A 282 20.21 -14.80 18.97
C LYS A 282 20.78 -15.66 17.84
N GLU A 283 21.15 -16.90 18.12
CA GLU A 283 21.69 -17.73 17.05
C GLU A 283 20.58 -18.06 16.06
N LEU A 284 19.34 -17.78 16.43
CA LEU A 284 18.20 -18.05 15.55
C LEU A 284 17.91 -16.75 14.80
N GLY A 285 18.59 -16.55 13.68
CA GLY A 285 18.43 -15.36 12.86
C GLY A 285 17.10 -15.24 12.14
N GLU A 286 16.30 -16.30 12.17
CA GLU A 286 14.98 -16.27 11.50
C GLU A 286 14.04 -17.19 12.27
N VAL A 287 12.99 -16.61 12.84
CA VAL A 287 12.06 -17.43 13.61
C VAL A 287 10.61 -17.23 13.29
N ARG A 288 9.80 -18.08 13.88
CA ARG A 288 8.37 -18.04 13.75
C ARG A 288 7.82 -17.87 15.16
N VAL A 289 6.97 -16.87 15.35
CA VAL A 289 6.30 -16.64 16.63
C VAL A 289 4.89 -17.05 16.22
N GLN A 290 4.40 -18.14 16.81
CA GLN A 290 3.08 -18.64 16.44
C GLN A 290 1.96 -18.11 17.32
N TYR A 291 0.88 -17.64 16.69
CA TYR A 291 -0.28 -17.14 17.43
C TYR A 291 -1.40 -18.12 17.10
N THR A 292 -2.32 -18.32 18.02
CA THR A 292 -3.40 -19.26 17.76
C THR A 292 -4.78 -18.65 17.79
N GLY A 293 -4.94 -17.52 18.44
CA GLY A 293 -6.26 -16.91 18.49
C GLY A 293 -6.15 -15.43 18.26
N ARG A 294 -7.29 -14.76 18.31
CA ARG A 294 -7.32 -13.31 18.11
C ARG A 294 -6.58 -12.57 19.23
N ASP A 295 -6.74 -13.05 20.46
CA ASP A 295 -6.08 -12.41 21.60
C ASP A 295 -4.56 -12.56 21.55
N SER A 296 -4.07 -13.75 21.19
CA SER A 296 -2.64 -13.97 21.10
C SER A 296 -2.06 -13.16 19.93
N PHE A 297 -2.80 -13.10 18.81
CA PHE A 297 -2.31 -12.31 17.69
C PHE A 297 -2.07 -10.87 18.12
N LYS A 298 -3.10 -10.21 18.64
N LYS A 298 -3.11 -10.24 18.65
CA LYS A 298 -2.95 -8.81 19.03
CA LYS A 298 -3.03 -8.85 19.07
C LYS A 298 -1.92 -8.60 20.13
C LYS A 298 -1.97 -8.60 20.16
N ALA A 299 -1.79 -9.55 21.06
CA ALA A 299 -0.81 -9.42 22.13
C ALA A 299 0.61 -9.52 21.57
N PHE A 300 0.86 -10.57 20.78
CA PHE A 300 2.19 -10.75 20.20
C PHE A 300 2.53 -9.60 19.23
N ALA A 301 1.54 -9.18 18.45
CA ALA A 301 1.73 -8.07 17.50
C ALA A 301 2.19 -6.83 18.25
N LYS A 302 1.45 -6.49 19.29
CA LYS A 302 1.74 -5.32 20.12
C LYS A 302 3.10 -5.51 20.82
N ALA A 303 3.36 -6.71 21.32
CA ALA A 303 4.62 -6.96 22.00
C ALA A 303 5.85 -6.73 21.10
N LEU A 304 5.71 -6.97 19.80
CA LEU A 304 6.85 -6.80 18.89
C LEU A 304 6.82 -5.53 18.05
N GLY A 305 5.80 -4.69 18.25
CA GLY A 305 5.72 -3.43 17.52
C GLY A 305 5.10 -3.42 16.14
N VAL A 306 4.31 -4.45 15.83
CA VAL A 306 3.65 -4.58 14.54
C VAL A 306 2.27 -3.91 14.64
N MET A 307 1.76 -3.36 13.54
CA MET A 307 0.45 -2.74 13.58
C MET A 307 -0.47 -3.90 13.92
N ASP A 308 -1.31 -3.72 14.94
CA ASP A 308 -2.17 -4.78 15.41
C ASP A 308 -3.66 -4.76 15.02
N ASP A 309 -4.08 -3.79 14.21
CA ASP A 309 -5.50 -3.76 13.83
C ASP A 309 -5.72 -4.76 12.71
N LEU A 310 -6.98 -5.10 12.44
CA LEU A 310 -7.30 -6.04 11.37
C LEU A 310 -8.43 -5.53 10.46
N LYS A 311 -8.32 -5.76 9.15
CA LYS A 311 -9.38 -5.33 8.24
C LYS A 311 -9.99 -6.59 7.62
N SER A 312 -11.28 -6.80 7.85
CA SER A 312 -11.96 -8.00 7.36
C SER A 312 -11.19 -9.25 7.82
N GLY A 313 -10.59 -9.16 9.00
CA GLY A 313 -9.86 -10.30 9.55
C GLY A 313 -8.41 -10.44 9.13
N VAL A 314 -7.96 -9.62 8.18
CA VAL A 314 -6.58 -9.68 7.67
C VAL A 314 -5.63 -8.73 8.38
N PRO A 315 -4.50 -9.23 8.90
CA PRO A 315 -3.55 -8.34 9.58
C PRO A 315 -2.72 -7.51 8.62
N ARG A 316 -2.15 -6.43 9.13
CA ARG A 316 -1.33 -5.51 8.36
C ARG A 316 -0.15 -6.26 7.73
N ALA A 317 -0.04 -6.19 6.41
CA ALA A 317 1.02 -6.86 5.64
C ALA A 317 0.98 -8.39 5.73
N GLY A 318 -0.15 -8.92 6.21
CA GLY A 318 -0.25 -10.36 6.34
C GLY A 318 -0.48 -11.11 5.04
N TYR A 319 0.02 -12.34 4.99
CA TYR A 319 -0.14 -13.22 3.84
C TYR A 319 -0.40 -14.60 4.44
N ARG A 320 -1.57 -15.19 4.17
CA ARG A 320 -1.98 -16.47 4.75
C ARG A 320 -1.82 -16.33 6.26
N GLY A 321 -2.11 -15.11 6.73
CA GLY A 321 -2.06 -14.77 8.15
C GLY A 321 -0.68 -14.44 8.71
N ILE A 322 0.34 -14.63 7.89
CA ILE A 322 1.71 -14.40 8.32
C ILE A 322 2.18 -12.96 8.17
N VAL A 323 2.64 -12.38 9.28
CA VAL A 323 3.16 -11.01 9.27
C VAL A 323 4.68 -11.17 9.41
N THR A 324 5.41 -10.71 8.39
CA THR A 324 6.89 -10.81 8.35
C THR A 324 7.53 -9.44 8.54
N PHE A 325 8.54 -9.37 9.42
CA PHE A 325 9.20 -8.11 9.72
C PHE A 325 10.56 -8.38 10.37
N LEU A 326 11.32 -7.31 10.60
CA LEU A 326 12.60 -7.45 11.30
C LEU A 326 12.38 -6.95 12.75
N PHE A 327 12.97 -7.65 13.70
CA PHE A 327 12.87 -7.25 15.10
C PHE A 327 14.25 -7.40 15.74
N ARG A 328 14.84 -6.26 16.07
CA ARG A 328 16.17 -6.23 16.66
C ARG A 328 17.15 -7.07 15.85
N GLY A 329 17.08 -6.91 14.53
CA GLY A 329 17.97 -7.62 13.62
C GLY A 329 17.59 -9.04 13.27
N ARG A 330 16.48 -9.53 13.83
CA ARG A 330 16.06 -10.89 13.56
C ARG A 330 14.85 -10.91 12.63
N ARG A 331 14.85 -11.83 11.67
CA ARG A 331 13.73 -11.96 10.76
C ARG A 331 12.65 -12.73 11.51
N VAL A 332 11.48 -12.13 11.64
CA VAL A 332 10.39 -12.77 12.37
C VAL A 332 9.12 -12.93 11.56
N HIS A 333 8.52 -14.11 11.67
CA HIS A 333 7.25 -14.40 11.01
C HIS A 333 6.20 -14.65 12.11
N LEU A 334 5.39 -13.65 12.41
CA LEU A 334 4.32 -13.82 13.40
C LEU A 334 3.33 -14.60 12.55
N ALA A 335 3.18 -15.89 12.84
CA ALA A 335 2.32 -16.74 12.01
C ALA A 335 1.32 -17.62 12.74
N PRO A 336 0.28 -18.04 12.03
CA PRO A 336 -0.73 -18.91 12.66
C PRO A 336 -0.22 -20.32 12.46
N PRO A 337 -0.93 -21.32 13.06
CA PRO A 337 -0.50 -22.72 12.90
C PRO A 337 -0.63 -23.06 11.42
N GLN A 338 0.16 -24.03 10.98
CA GLN A 338 0.17 -24.44 9.58
C GLN A 338 -1.16 -24.95 9.04
N THR A 339 -2.15 -25.08 9.92
CA THR A 339 -3.46 -25.55 9.52
C THR A 339 -4.37 -24.39 9.06
N TRP A 340 -3.84 -23.17 9.10
CA TRP A 340 -4.57 -21.98 8.68
C TRP A 340 -5.28 -22.30 7.38
N ASP A 341 -6.53 -21.84 7.26
CA ASP A 341 -7.30 -22.11 6.06
C ASP A 341 -8.28 -20.99 5.77
N GLY A 342 -7.78 -19.77 5.62
CA GLY A 342 -8.66 -18.65 5.32
C GLY A 342 -8.87 -17.69 6.47
N TYR A 343 -9.15 -16.44 6.15
CA TYR A 343 -9.34 -15.41 7.15
C TYR A 343 -10.72 -15.43 7.78
N ASP A 344 -10.83 -14.83 8.96
CA ASP A 344 -12.10 -14.75 9.68
C ASP A 344 -12.41 -13.28 9.94
N PRO A 345 -13.40 -12.72 9.24
N PRO A 345 -13.37 -12.70 9.23
CA PRO A 345 -13.80 -11.31 9.39
CA PRO A 345 -13.70 -11.27 9.43
C PRO A 345 -14.22 -10.95 10.81
C PRO A 345 -14.11 -10.94 10.85
N SER A 346 -14.50 -11.96 11.62
CA SER A 346 -14.91 -11.72 13.01
C SER A 346 -13.73 -11.34 13.89
N TRP A 347 -12.52 -11.46 13.35
CA TRP A 347 -11.30 -11.08 14.10
C TRP A 347 -11.25 -9.58 13.89
N THR A 348 -11.58 -8.81 14.93
CA THR A 348 -11.60 -7.36 14.81
C THR A 348 -10.72 -6.68 15.85
MN MN B . -3.26 11.57 3.83
C1' UD1 C . -7.08 8.02 4.21
C2' UD1 C . -6.06 7.17 3.47
C3' UD1 C . -6.22 7.49 1.99
C4' UD1 C . -7.64 7.13 1.51
C5' UD1 C . -8.75 7.63 2.46
C6' UD1 C . -9.97 6.75 2.25
C7' UD1 C . -3.97 6.57 4.54
C8' UD1 C . -2.54 7.02 4.79
N2' UD1 C . -4.71 7.49 3.92
O1' UD1 C . -6.93 9.37 3.82
O3' UD1 C . -5.26 6.74 1.24
O4' UD1 C . -7.87 7.68 0.22
O5' UD1 C . -8.38 7.51 3.86
O6' UD1 C . -11.16 7.36 2.72
O7' UD1 C . -4.26 5.36 4.62
N1 UD1 C . -9.32 14.37 -1.13
C2 UD1 C . -10.25 14.58 -2.15
N3 UD1 C . -11.35 15.31 -1.79
C4 UD1 C . -11.64 15.85 -0.53
C5 UD1 C . -10.64 15.59 0.47
C6 UD1 C . -9.55 14.88 0.15
O2 UD1 C . -10.10 14.14 -3.29
O4 UD1 C . -12.67 16.49 -0.35
C1B UD1 C . -8.12 13.59 -1.44
C2B UD1 C . -6.80 14.24 -1.01
O2' UD1 C . -6.37 15.21 -1.94
C3B UD1 C . -5.89 13.01 -0.89
C4B UD1 C . -6.84 11.87 -0.51
O4B UD1 C . -8.18 12.35 -0.76
O3B UD1 C . -5.14 12.70 -2.07
C5B UD1 C . -6.76 11.47 0.94
O5B UD1 C . -7.05 12.60 1.78
PA UD1 C . -6.27 12.86 3.14
O1A UD1 C . -6.57 14.27 3.48
O2A UD1 C . -4.81 12.68 2.90
O3A UD1 C . -6.80 11.89 4.15
PB UD1 C . -6.28 10.51 4.73
O1B UD1 C . -6.67 10.33 6.15
O2B UD1 C . -4.82 10.33 4.49
C1 GOL D . 4.07 15.44 -19.74
O1 GOL D . 5.40 15.05 -19.48
C2 GOL D . 3.09 14.59 -18.95
O2 GOL D . 3.49 14.58 -17.57
C3 GOL D . 1.67 15.17 -19.08
O3 GOL D . 0.73 14.37 -18.40
C1 GOL E . -8.06 -14.15 11.26
O1 GOL E . -8.66 -13.94 10.01
C2 GOL E . -6.81 -15.03 11.15
O2 GOL E . -7.15 -16.26 10.52
C3 GOL E . -5.73 -14.33 10.33
O3 GOL E . -4.60 -15.17 10.22
#